data_5AWS
#
_entry.id   5AWS
#
_cell.length_a   37.552
_cell.length_b   53.634
_cell.length_c   75.199
_cell.angle_alpha   101.87
_cell.angle_beta   86.91
_cell.angle_gamma   95.61
#
_symmetry.space_group_name_H-M   'P 1'
#
loop_
_entity.id
_entity.type
_entity.pdbx_description
1 polymer 'SH3-containing GRB2-like protein 3-interacting protein 1'
2 non-polymer 'ZINC ION'
3 water water
#
_entity_poly.entity_id   1
_entity_poly.type   'polypeptide(L)'
_entity_poly.pdbx_seq_one_letter_code
;GPLGSLTMGAQDTLPVAAAFTETVNAYFKGADPSKCIVKITGEMVLSFPAGITRHFANNPSPAALTFRVINFSRLEHVLP
NPQLLCCDNTQNDANTKEFWVNMPNLMTHLKKVSEQKPQATYYNVDMLKYQVSAQGIQSTPLNLAVNWRCEPSSTDLRID
YKYNTDAMTTAVALNNVQFLVPIDGGVTKLQAVLPPAVWNAEQQRILWKIPDISQKSENGGVGSLLARFQLSEGPSKPSP
LVVQFTSEGSTLSGCDIELVGAGYRFSLIKKRFAAGKYLADN
;
_entity_poly.pdbx_strand_id   A,B
#
loop_
_chem_comp.id
_chem_comp.type
_chem_comp.name
_chem_comp.formula
ZN non-polymer 'ZINC ION' 'Zn 2'
#
# COMPACT_ATOMS: atom_id res chain seq x y z
N MET A 8 24.45 -11.72 -31.66
CA MET A 8 25.06 -11.05 -32.80
C MET A 8 24.15 -10.01 -33.43
N GLY A 9 22.89 -10.38 -33.64
CA GLY A 9 21.88 -9.44 -34.08
C GLY A 9 20.64 -9.60 -33.22
N ALA A 10 20.84 -10.12 -32.02
CA ALA A 10 19.73 -10.60 -31.20
C ALA A 10 19.33 -9.70 -30.02
N GLN A 11 18.04 -9.68 -29.70
CA GLN A 11 17.51 -8.96 -28.56
C GLN A 11 18.24 -9.46 -27.31
N ASP A 12 18.77 -8.55 -26.50
CA ASP A 12 19.53 -8.98 -25.34
C ASP A 12 18.56 -9.65 -24.41
N THR A 13 19.07 -10.54 -23.56
CA THR A 13 18.28 -10.90 -22.41
C THR A 13 18.65 -9.86 -21.37
N LEU A 14 17.68 -9.23 -20.73
CA LEU A 14 18.02 -8.18 -19.76
C LEU A 14 17.93 -8.73 -18.33
N PRO A 15 18.96 -8.49 -17.52
CA PRO A 15 19.09 -9.04 -16.16
C PRO A 15 18.25 -8.26 -15.16
N VAL A 16 17.34 -8.93 -14.45
CA VAL A 16 16.56 -8.28 -13.41
C VAL A 16 16.54 -9.18 -12.16
N ALA A 17 16.60 -8.57 -10.97
CA ALA A 17 16.52 -9.34 -9.72
C ALA A 17 15.13 -9.22 -9.11
N ALA A 18 14.69 -10.26 -8.41
CA ALA A 18 13.40 -10.23 -7.73
C ALA A 18 13.59 -10.58 -6.26
N ALA A 19 12.70 -10.08 -5.42
CA ALA A 19 12.76 -10.37 -4.00
C ALA A 19 11.36 -10.50 -3.43
N PHE A 20 11.14 -11.56 -2.68
CA PHE A 20 9.96 -11.64 -1.82
C PHE A 20 10.47 -11.46 -0.40
N THR A 21 10.05 -10.38 0.26
CA THR A 21 10.50 -10.09 1.63
C THR A 21 9.27 -10.02 2.49
N GLU A 22 9.18 -10.96 3.43
CA GLU A 22 7.99 -11.07 4.26
C GLU A 22 8.30 -10.80 5.73
N THR A 23 7.35 -10.20 6.42
CA THR A 23 7.47 -9.82 7.81
C THR A 23 6.37 -10.49 8.62
N VAL A 24 6.75 -11.26 9.65
CA VAL A 24 5.77 -11.91 10.53
C VAL A 24 5.65 -11.22 11.87
N ASN A 25 4.43 -10.78 12.14
CA ASN A 25 4.08 -10.19 13.41
C ASN A 25 3.23 -11.19 14.15
N ALA A 26 3.52 -11.38 15.43
CA ALA A 26 2.79 -12.34 16.21
C ALA A 26 2.69 -11.84 17.64
N TYR A 27 1.55 -12.10 18.28
CA TYR A 27 1.39 -11.82 19.70
C TYR A 27 0.93 -13.08 20.40
N PHE A 28 1.72 -13.54 21.38
CA PHE A 28 1.36 -14.71 22.20
C PHE A 28 0.90 -14.28 23.58
N LYS A 29 -0.07 -15.00 24.15
CA LYS A 29 -0.56 -14.66 25.47
C LYS A 29 -0.57 -15.90 26.35
N GLY A 30 0.36 -15.94 27.30
CA GLY A 30 0.52 -17.09 28.18
C GLY A 30 0.86 -18.31 27.35
N ALA A 31 0.23 -19.44 27.67
CA ALA A 31 0.40 -20.66 26.88
C ALA A 31 -0.89 -21.04 26.15
N ASP A 32 -1.75 -20.07 25.89
CA ASP A 32 -3.03 -20.32 25.22
C ASP A 32 -2.92 -19.96 23.75
N PRO A 33 -2.72 -20.99 22.91
CA PRO A 33 -2.53 -20.75 21.47
C PRO A 33 -3.76 -20.11 20.84
N SER A 34 -4.92 -20.24 21.47
CA SER A 34 -6.15 -19.65 20.94
C SER A 34 -6.12 -18.13 20.85
N LYS A 35 -5.29 -17.51 21.71
CA LYS A 35 -5.24 -16.05 21.80
C LYS A 35 -4.06 -15.49 21.03
N CYS A 36 -3.36 -16.35 20.30
CA CYS A 36 -2.24 -15.95 19.49
C CYS A 36 -2.83 -15.18 18.33
N ILE A 37 -2.22 -14.03 18.00
CA ILE A 37 -2.71 -13.17 16.91
C ILE A 37 -1.56 -12.95 15.94
N VAL A 38 -1.74 -13.37 14.68
CA VAL A 38 -0.66 -13.34 13.71
C VAL A 38 -1.02 -12.48 12.49
N LYS A 39 -0.05 -11.73 11.97
CA LYS A 39 -0.25 -10.90 10.78
C LYS A 39 1.03 -10.95 9.99
N ILE A 40 0.97 -11.49 8.78
CA ILE A 40 2.13 -11.57 7.91
C ILE A 40 1.92 -10.67 6.71
N THR A 41 2.84 -9.72 6.56
CA THR A 41 2.83 -8.80 5.42
C THR A 41 4.02 -9.10 4.56
N GLY A 42 4.06 -8.55 3.37
CA GLY A 42 5.17 -8.82 2.48
C GLY A 42 5.25 -7.83 1.33
N GLU A 43 6.38 -7.84 0.67
CA GLU A 43 6.46 -7.09 -0.56
C GLU A 43 7.33 -7.82 -1.57
N MET A 44 6.96 -7.63 -2.84
CA MET A 44 7.71 -8.15 -3.95
C MET A 44 8.36 -6.96 -4.60
N VAL A 45 9.67 -7.05 -4.70
CA VAL A 45 10.48 -5.94 -5.19
C VAL A 45 11.25 -6.41 -6.40
N LEU A 46 11.31 -5.57 -7.43
CA LEU A 46 12.13 -5.84 -8.60
C LEU A 46 13.30 -4.86 -8.59
N SER A 47 14.49 -5.37 -8.85
CA SER A 47 15.70 -4.55 -8.89
C SER A 47 16.31 -4.56 -10.30
N PHE A 48 16.63 -3.36 -10.77
CA PHE A 48 17.15 -3.14 -12.11
C PHE A 48 18.58 -2.59 -12.02
N PRO A 49 19.50 -3.16 -12.82
CA PRO A 49 20.90 -2.75 -12.84
C PRO A 49 21.04 -1.31 -13.34
N ALA A 50 22.21 -0.72 -13.18
CA ALA A 50 22.39 0.71 -13.39
C ALA A 50 22.05 1.24 -14.78
N GLY A 51 21.40 2.39 -14.79
CA GLY A 51 21.08 3.15 -15.98
C GLY A 51 20.51 2.48 -17.22
N ILE A 52 20.58 1.15 -17.29
CA ILE A 52 20.28 0.39 -18.50
C ILE A 52 19.04 0.93 -19.23
N THR A 53 17.90 0.89 -18.56
CA THR A 53 16.65 1.56 -18.98
C THR A 53 16.06 1.35 -20.40
N ARG A 54 16.90 1.07 -21.38
CA ARG A 54 16.45 1.19 -22.76
C ARG A 54 17.07 0.15 -23.70
N HIS A 55 18.05 -0.58 -23.17
CA HIS A 55 18.79 -1.68 -23.82
C HIS A 55 18.29 -2.43 -25.06
N PHE A 56 17.27 -1.92 -25.75
CA PHE A 56 16.88 -2.28 -27.13
C PHE A 56 15.50 -1.69 -27.33
N ALA A 57 15.22 -0.61 -26.60
CA ALA A 57 13.89 -0.04 -26.57
C ALA A 57 13.47 0.79 -27.77
N ASN A 58 14.37 1.01 -28.72
CA ASN A 58 14.01 1.92 -29.79
C ASN A 58 13.55 1.23 -31.10
N ASN A 59 14.41 0.40 -31.68
CA ASN A 59 14.11 -0.28 -32.94
C ASN A 59 14.71 -1.69 -33.00
N PRO A 60 13.86 -2.71 -32.84
CA PRO A 60 12.43 -2.50 -32.60
C PRO A 60 12.09 -2.24 -31.14
N SER A 61 10.79 -2.16 -30.85
CA SER A 61 10.24 -1.96 -29.51
C SER A 61 10.92 -2.76 -28.39
N PRO A 62 10.93 -2.21 -27.16
CA PRO A 62 11.52 -2.92 -26.02
C PRO A 62 10.68 -4.14 -25.62
N ALA A 63 11.34 -5.22 -25.20
CA ALA A 63 10.63 -6.39 -24.73
C ALA A 63 9.69 -6.03 -23.58
N ALA A 64 8.51 -6.62 -23.63
CA ALA A 64 7.52 -6.47 -22.59
C ALA A 64 8.08 -7.12 -21.35
N LEU A 65 7.94 -6.47 -20.19
CA LEU A 65 8.29 -7.13 -18.94
C LEU A 65 6.99 -7.57 -18.31
N THR A 66 6.76 -8.88 -18.33
CA THR A 66 5.53 -9.46 -17.84
C THR A 66 5.96 -10.59 -16.93
N PHE A 67 5.25 -10.79 -15.83
CA PHE A 67 5.61 -11.85 -14.91
C PHE A 67 4.37 -12.51 -14.34
N ARG A 68 4.54 -13.73 -13.85
CA ARG A 68 3.47 -14.48 -13.19
C ARG A 68 3.89 -14.78 -11.76
N VAL A 69 2.98 -14.51 -10.82
CA VAL A 69 3.22 -14.82 -9.42
C VAL A 69 2.57 -16.19 -9.16
N ILE A 70 3.40 -17.12 -8.71
CA ILE A 70 2.97 -18.50 -8.46
C ILE A 70 2.51 -18.61 -7.01
N ASN A 71 1.46 -19.41 -6.80
CA ASN A 71 0.80 -19.55 -5.51
C ASN A 71 0.21 -18.25 -5.01
N PHE A 72 -0.45 -17.54 -5.93
CA PHE A 72 -1.02 -16.22 -5.67
C PHE A 72 -2.16 -16.27 -4.66
N SER A 73 -2.88 -17.39 -4.65
CA SER A 73 -4.02 -17.61 -3.77
C SER A 73 -3.62 -17.70 -2.29
N ARG A 74 -2.33 -17.79 -2.04
CA ARG A 74 -1.81 -17.87 -0.69
C ARG A 74 -1.87 -16.46 -0.07
N LEU A 75 -2.05 -15.47 -0.93
CA LEU A 75 -2.13 -14.09 -0.47
C LEU A 75 -3.57 -13.68 -0.19
N GLU A 76 -3.80 -13.25 1.04
CA GLU A 76 -5.09 -12.79 1.49
C GLU A 76 -5.42 -11.46 0.82
N HIS A 77 -4.44 -10.56 0.78
CA HIS A 77 -4.69 -9.22 0.23
C HIS A 77 -3.48 -8.81 -0.54
N VAL A 78 -3.68 -8.12 -1.67
CA VAL A 78 -2.57 -7.67 -2.54
C VAL A 78 -2.85 -6.27 -3.09
N LEU A 79 -1.84 -5.41 -3.06
CA LEU A 79 -1.88 -4.07 -3.66
C LEU A 79 -0.70 -3.91 -4.61
N PRO A 80 -0.95 -4.09 -5.91
CA PRO A 80 0.11 -3.88 -6.89
C PRO A 80 0.38 -2.40 -7.00
N ASN A 81 1.59 -2.07 -7.40
CA ASN A 81 1.96 -0.67 -7.67
C ASN A 81 1.09 -0.12 -8.83
N PRO A 82 0.18 0.83 -8.51
CA PRO A 82 -0.79 1.33 -9.50
C PRO A 82 -0.13 2.17 -10.60
N GLN A 83 1.09 2.61 -10.38
CA GLN A 83 1.78 3.36 -11.42
C GLN A 83 2.42 2.45 -12.46
N LEU A 84 2.66 1.19 -12.12
CA LEU A 84 3.57 0.38 -12.92
C LEU A 84 3.02 -0.93 -13.45
N LEU A 85 1.88 -1.36 -12.92
CA LEU A 85 1.33 -2.67 -13.20
C LEU A 85 -0.15 -2.66 -13.57
N CYS A 86 -0.52 -3.57 -14.45
CA CYS A 86 -1.91 -3.97 -14.59
C CYS A 86 -1.89 -5.49 -14.63
N CYS A 87 -3.02 -6.13 -14.40
CA CYS A 87 -3.06 -7.58 -14.31
C CYS A 87 -4.24 -8.15 -15.05
N ASP A 88 -4.29 -9.47 -15.11
CA ASP A 88 -5.41 -10.21 -15.70
C ASP A 88 -6.61 -10.40 -14.77
N ASN A 89 -7.76 -9.83 -15.12
CA ASN A 89 -9.03 -10.30 -14.55
C ASN A 89 -9.73 -11.10 -15.65
N THR A 90 -10.21 -12.31 -15.35
CA THR A 90 -10.18 -12.93 -14.03
C THR A 90 -8.86 -13.74 -13.92
N GLN A 91 -8.45 -14.31 -12.77
CA GLN A 91 -9.24 -14.83 -11.63
C GLN A 91 -10.14 -16.03 -12.00
N ASN A 92 -9.67 -16.79 -12.98
CA ASN A 92 -9.98 -18.20 -13.06
C ASN A 92 -9.05 -18.73 -12.00
N ASP A 93 -9.47 -18.62 -10.72
CA ASP A 93 -8.61 -18.72 -9.51
C ASP A 93 -7.36 -19.63 -9.55
N ALA A 94 -6.76 -19.81 -10.73
CA ALA A 94 -5.77 -20.87 -10.98
C ALA A 94 -4.48 -20.77 -10.19
N ASN A 95 -4.51 -20.01 -9.10
CA ASN A 95 -3.40 -19.98 -8.16
C ASN A 95 -2.19 -19.15 -8.61
N THR A 96 -2.13 -18.83 -9.91
CA THR A 96 -1.10 -17.92 -10.42
C THR A 96 -1.75 -16.65 -10.96
N LYS A 97 -0.95 -15.59 -11.04
CA LYS A 97 -1.46 -14.31 -11.51
C LYS A 97 -0.45 -13.59 -12.39
N GLU A 98 -0.91 -13.16 -13.56
CA GLU A 98 -0.04 -12.51 -14.53
C GLU A 98 -0.16 -11.00 -14.41
N PHE A 99 0.99 -10.35 -14.43
CA PHE A 99 1.10 -8.90 -14.35
C PHE A 99 1.92 -8.36 -15.52
N TRP A 100 1.45 -7.26 -16.11
CA TRP A 100 2.17 -6.55 -17.15
C TRP A 100 2.68 -5.22 -16.55
N VAL A 101 3.98 -4.99 -16.67
CA VAL A 101 4.62 -3.74 -16.22
C VAL A 101 4.47 -2.62 -17.26
N ASN A 102 4.07 -1.43 -16.82
CA ASN A 102 3.96 -0.30 -17.74
C ASN A 102 5.34 0.20 -18.12
N MET A 103 5.78 -0.17 -19.32
CA MET A 103 7.16 0.10 -19.74
C MET A 103 7.56 1.59 -19.83
N PRO A 104 6.67 2.48 -20.32
CA PRO A 104 7.03 3.90 -20.28
C PRO A 104 7.14 4.43 -18.86
N ASN A 105 6.24 3.99 -17.98
CA ASN A 105 6.24 4.48 -16.62
C ASN A 105 7.45 3.93 -15.86
N LEU A 106 7.86 2.72 -16.22
CA LEU A 106 9.07 2.11 -15.68
C LEU A 106 10.31 2.85 -16.19
N MET A 107 10.38 3.13 -17.48
CA MET A 107 11.52 3.85 -18.05
C MET A 107 11.62 5.23 -17.42
N THR A 108 10.47 5.88 -17.23
CA THR A 108 10.41 7.19 -16.59
C THR A 108 10.97 7.07 -15.20
N HIS A 109 10.45 6.07 -14.49
CA HIS A 109 10.77 5.85 -13.08
C HIS A 109 12.26 5.57 -12.89
N LEU A 110 12.81 4.68 -13.72
CA LEU A 110 14.22 4.27 -13.65
C LEU A 110 15.18 5.36 -14.11
N LYS A 111 14.70 6.27 -14.94
CA LYS A 111 15.49 7.46 -15.29
C LYS A 111 15.59 8.42 -14.07
N LYS A 112 14.45 8.66 -13.42
CA LYS A 112 14.40 9.62 -12.31
C LYS A 112 15.35 9.34 -11.14
N VAL A 113 15.18 8.17 -10.50
CA VAL A 113 16.01 7.79 -9.36
C VAL A 113 17.48 7.66 -9.77
N SER A 114 17.71 7.40 -11.06
CA SER A 114 19.08 7.32 -11.57
C SER A 114 19.63 8.74 -11.52
N GLU A 115 18.74 9.72 -11.62
CA GLU A 115 19.17 11.10 -11.47
C GLU A 115 19.28 11.46 -9.98
N GLN A 116 18.53 10.77 -9.13
CA GLN A 116 18.52 11.11 -7.71
C GLN A 116 19.41 10.23 -6.84
N LYS A 117 19.65 9.01 -7.29
CA LYS A 117 20.65 8.15 -6.66
C LYS A 117 21.67 7.75 -7.72
N PRO A 118 22.44 8.75 -8.21
CA PRO A 118 23.29 8.56 -9.38
C PRO A 118 24.55 7.73 -9.16
N GLN A 119 24.92 7.45 -7.91
CA GLN A 119 26.11 6.63 -7.67
C GLN A 119 25.72 5.18 -7.35
N ALA A 120 24.44 4.84 -7.48
CA ALA A 120 23.98 3.48 -7.19
C ALA A 120 24.05 2.50 -8.36
N THR A 121 24.47 1.28 -8.05
CA THR A 121 24.64 0.23 -9.05
C THR A 121 23.31 -0.39 -9.44
N TYR A 122 22.32 -0.30 -8.56
CA TYR A 122 21.05 -0.96 -8.78
C TYR A 122 19.89 -0.11 -8.24
N TYR A 123 18.72 -0.24 -8.86
CA TYR A 123 17.50 0.45 -8.43
C TYR A 123 16.34 -0.48 -8.04
N ASN A 124 15.91 -0.43 -6.79
CA ASN A 124 14.83 -1.30 -6.32
C ASN A 124 13.48 -0.64 -6.52
N VAL A 125 12.49 -1.43 -6.97
CA VAL A 125 11.15 -0.91 -7.18
C VAL A 125 10.09 -1.78 -6.50
N ASP A 126 9.30 -1.18 -5.60
CA ASP A 126 8.22 -1.90 -4.93
C ASP A 126 7.13 -2.22 -5.92
N MET A 127 7.01 -3.50 -6.26
CA MET A 127 6.03 -3.89 -7.28
C MET A 127 4.72 -4.33 -6.62
N LEU A 128 4.82 -5.16 -5.58
CA LEU A 128 3.61 -5.62 -4.88
C LEU A 128 3.72 -5.44 -3.39
N LYS A 129 2.66 -4.97 -2.73
CA LYS A 129 2.58 -5.04 -1.26
C LYS A 129 1.50 -6.06 -0.97
N TYR A 130 1.69 -6.93 0.02
CA TYR A 130 0.69 -7.95 0.26
C TYR A 130 0.55 -8.42 1.73
N GLN A 131 -0.48 -9.24 1.95
CA GLN A 131 -0.70 -9.91 3.24
C GLN A 131 -1.01 -11.37 2.96
N VAL A 132 -0.28 -12.21 3.69
CA VAL A 132 -0.30 -13.67 3.54
C VAL A 132 -1.34 -14.28 4.47
N SER A 133 -2.15 -15.19 3.93
CA SER A 133 -3.19 -15.84 4.74
C SER A 133 -2.49 -16.60 5.86
N ALA A 134 -2.95 -16.40 7.09
CA ALA A 134 -2.32 -17.03 8.25
C ALA A 134 -3.35 -17.81 9.04
N GLN A 135 -2.89 -18.76 9.84
CA GLN A 135 -3.83 -19.54 10.64
C GLN A 135 -3.30 -19.70 12.05
N GLY A 136 -3.30 -18.58 12.78
CA GLY A 136 -2.89 -18.58 14.17
C GLY A 136 -1.50 -19.14 14.38
N ILE A 137 -1.36 -19.90 15.47
CA ILE A 137 -0.05 -20.43 15.88
C ILE A 137 0.62 -21.34 14.86
N GLN A 138 -0.16 -22.03 14.02
CA GLN A 138 0.39 -22.88 12.96
C GLN A 138 1.25 -22.07 12.00
N SER A 139 1.00 -20.76 11.93
CA SER A 139 1.64 -19.89 10.95
C SER A 139 2.86 -19.15 11.50
N THR A 140 3.11 -19.24 12.81
CA THR A 140 4.29 -18.60 13.40
C THR A 140 5.50 -19.51 13.33
N PRO A 141 6.64 -19.00 12.85
CA PRO A 141 7.82 -19.85 12.74
C PRO A 141 8.43 -20.24 14.09
N LEU A 142 8.25 -19.40 15.11
CA LEU A 142 8.78 -19.66 16.45
C LEU A 142 7.64 -19.48 17.46
N ASN A 143 7.10 -20.59 17.97
CA ASN A 143 6.01 -20.54 18.93
C ASN A 143 6.62 -20.14 20.27
N LEU A 144 5.94 -19.27 21.03
CA LEU A 144 6.47 -18.72 22.31
C LEU A 144 5.44 -18.88 23.43
N ALA A 145 5.93 -19.08 24.65
CA ALA A 145 5.09 -19.09 25.83
C ALA A 145 5.91 -18.50 26.98
N VAL A 146 5.36 -17.53 27.69
CA VAL A 146 6.13 -16.89 28.78
C VAL A 146 5.36 -16.97 30.09
N ASN A 147 6.08 -17.16 31.18
CA ASN A 147 5.50 -17.21 32.51
C ASN A 147 6.37 -16.43 33.50
N TRP A 148 5.72 -15.65 34.34
CA TRP A 148 6.37 -14.81 35.36
C TRP A 148 5.89 -15.19 36.74
N ARG A 149 6.79 -15.17 37.72
CA ARG A 149 6.41 -15.24 39.13
C ARG A 149 6.96 -13.98 39.81
N CYS A 150 6.07 -13.11 40.24
CA CYS A 150 6.48 -11.81 40.74
C CYS A 150 6.39 -11.69 42.28
N GLU A 151 7.53 -11.81 42.95
CA GLU A 151 7.57 -11.62 44.40
C GLU A 151 7.89 -10.15 44.65
N PRO A 152 7.56 -9.66 45.85
CA PRO A 152 7.96 -8.29 46.17
C PRO A 152 9.48 -8.16 46.20
N SER A 153 10.17 -9.26 46.44
CA SER A 153 11.61 -9.24 46.57
C SER A 153 12.32 -10.04 45.50
N SER A 154 11.56 -10.64 44.58
CA SER A 154 12.14 -11.56 43.61
C SER A 154 11.27 -11.68 42.36
N THR A 155 11.87 -11.98 41.22
CA THR A 155 11.10 -12.23 39.99
C THR A 155 11.67 -13.44 39.26
N ASP A 156 10.83 -14.42 38.92
CA ASP A 156 11.28 -15.54 38.11
C ASP A 156 10.66 -15.47 36.72
N LEU A 157 11.47 -15.75 35.72
CA LEU A 157 11.03 -15.64 34.33
C LEU A 157 11.37 -16.93 33.61
N ARG A 158 10.37 -17.44 32.89
CA ARG A 158 10.56 -18.58 32.03
C ARG A 158 9.94 -18.26 30.68
N ILE A 159 10.69 -18.54 29.62
CA ILE A 159 10.24 -18.43 28.23
C ILE A 159 10.47 -19.79 27.58
N ASP A 160 9.43 -20.37 27.03
CA ASP A 160 9.53 -21.63 26.30
C ASP A 160 9.34 -21.30 24.82
N TYR A 161 10.24 -21.78 23.97
CA TYR A 161 10.12 -21.58 22.52
C TYR A 161 10.18 -22.90 21.77
N LYS A 162 9.53 -22.93 20.61
CA LYS A 162 9.53 -24.09 19.71
C LYS A 162 9.67 -23.64 18.24
N TYR A 163 10.66 -24.17 17.54
CA TYR A 163 10.74 -24.00 16.09
C TYR A 163 9.57 -24.73 15.45
N ASN A 164 8.79 -24.02 14.62
CA ASN A 164 7.58 -24.55 13.99
C ASN A 164 7.75 -24.73 12.48
N THR A 165 8.09 -25.95 12.08
CA THR A 165 8.41 -26.31 10.70
C THR A 165 7.33 -25.91 9.69
N ASP A 166 6.08 -26.05 10.10
CA ASP A 166 4.97 -25.97 9.18
C ASP A 166 4.52 -24.55 8.93
N ALA A 167 5.28 -23.58 9.44
CA ALA A 167 4.97 -22.19 9.15
C ALA A 167 5.66 -21.70 7.88
N MET A 168 6.70 -22.41 7.45
CA MET A 168 7.44 -21.98 6.27
C MET A 168 7.35 -23.00 5.13
N THR A 169 7.42 -22.52 3.89
CA THR A 169 7.27 -23.43 2.76
C THR A 169 8.44 -24.41 2.74
N THR A 170 9.65 -23.94 3.04
CA THR A 170 10.79 -24.84 3.11
C THR A 170 11.42 -24.67 4.49
N ALA A 171 11.89 -25.76 5.06
CA ALA A 171 12.52 -25.77 6.38
C ALA A 171 13.89 -25.11 6.40
N VAL A 172 13.96 -23.90 6.95
CA VAL A 172 15.21 -23.15 6.98
C VAL A 172 15.40 -22.56 8.38
N ALA A 173 16.64 -22.26 8.73
CA ALA A 173 16.94 -21.80 10.08
C ALA A 173 16.49 -20.38 10.32
N LEU A 174 16.15 -20.11 11.58
CA LEU A 174 15.95 -18.75 12.04
C LEU A 174 17.31 -18.24 12.53
N ASN A 175 17.74 -17.10 12.01
CA ASN A 175 19.07 -16.59 12.33
C ASN A 175 19.02 -15.40 13.26
N ASN A 176 20.09 -15.24 14.03
CA ASN A 176 20.25 -14.09 14.93
C ASN A 176 19.01 -13.85 15.81
N VAL A 177 18.56 -14.92 16.47
CA VAL A 177 17.37 -14.84 17.31
C VAL A 177 17.65 -14.11 18.62
N GLN A 178 16.84 -13.10 18.93
CA GLN A 178 17.04 -12.32 20.14
C GLN A 178 15.80 -12.30 20.97
N PHE A 179 15.96 -12.50 22.30
CA PHE A 179 14.85 -12.44 23.22
C PHE A 179 15.14 -11.35 24.23
N LEU A 180 14.29 -10.33 24.26
CA LEU A 180 14.56 -9.14 25.08
C LEU A 180 13.40 -8.94 26.02
N VAL A 181 13.68 -8.79 27.32
CA VAL A 181 12.58 -8.57 28.25
C VAL A 181 12.96 -7.51 29.26
N PRO A 182 12.16 -6.43 29.33
CA PRO A 182 12.39 -5.38 30.34
C PRO A 182 12.01 -5.90 31.72
N ILE A 183 12.89 -5.72 32.70
CA ILE A 183 12.61 -6.17 34.06
C ILE A 183 12.50 -5.00 35.05
N ASP A 184 11.25 -4.71 35.39
CA ASP A 184 10.82 -3.70 36.35
C ASP A 184 11.31 -4.03 37.77
N GLY A 185 11.04 -3.12 38.71
CA GLY A 185 11.14 -3.45 40.13
C GLY A 185 12.47 -3.21 40.79
N GLY A 186 13.42 -2.64 40.05
CA GLY A 186 14.72 -2.34 40.60
C GLY A 186 15.55 -3.58 40.85
N VAL A 187 15.95 -4.23 39.76
CA VAL A 187 16.82 -5.40 39.83
C VAL A 187 18.18 -5.01 40.39
N THR A 188 18.67 -5.80 41.34
CA THR A 188 19.98 -5.58 41.93
C THR A 188 20.97 -6.59 41.36
N LYS A 189 20.48 -7.80 41.13
CA LYS A 189 21.28 -8.85 40.51
C LYS A 189 20.42 -9.97 39.95
N LEU A 190 20.97 -10.72 39.01
CA LEU A 190 20.35 -11.98 38.61
C LEU A 190 21.09 -13.12 39.31
N GLN A 191 20.34 -13.86 40.12
CA GLN A 191 20.94 -14.94 40.90
C GLN A 191 20.76 -16.29 40.24
N ALA A 192 20.05 -16.32 39.11
CA ALA A 192 19.93 -17.55 38.32
C ALA A 192 19.68 -17.19 36.88
N VAL A 193 20.41 -17.85 35.98
CA VAL A 193 20.17 -17.67 34.53
C VAL A 193 20.66 -18.85 33.71
N LEU A 194 19.86 -19.24 32.71
CA LEU A 194 20.18 -20.37 31.84
C LEU A 194 19.32 -20.35 30.59
N PRO A 195 19.94 -20.38 29.39
CA PRO A 195 21.37 -20.34 29.06
C PRO A 195 21.95 -18.94 29.36
N PRO A 196 23.25 -18.71 29.12
CA PRO A 196 23.81 -17.40 29.44
C PRO A 196 23.09 -16.23 28.77
N ALA A 197 22.93 -15.12 29.51
CA ALA A 197 22.30 -13.93 28.93
C ALA A 197 23.01 -12.65 29.34
N VAL A 198 22.61 -11.53 28.76
CA VAL A 198 23.20 -10.25 29.15
C VAL A 198 22.19 -9.37 29.88
N TRP A 199 22.54 -8.93 31.09
CA TRP A 199 21.68 -8.02 31.82
C TRP A 199 22.15 -6.59 31.59
N ASN A 200 21.24 -5.74 31.11
CA ASN A 200 21.57 -4.32 30.89
C ASN A 200 20.92 -3.46 31.95
N ALA A 201 21.76 -2.97 32.86
CA ALA A 201 21.33 -2.19 34.01
C ALA A 201 20.79 -0.82 33.64
N GLU A 202 21.36 -0.23 32.59
CA GLU A 202 20.91 1.08 32.12
C GLU A 202 19.44 1.05 31.65
N GLN A 203 19.13 0.12 30.74
CA GLN A 203 17.80 -0.03 30.19
C GLN A 203 16.94 -0.98 31.03
N GLN A 204 17.54 -1.54 32.08
CA GLN A 204 16.88 -2.50 32.97
C GLN A 204 16.14 -3.56 32.18
N ARG A 205 16.89 -4.37 31.44
CA ARG A 205 16.31 -5.44 30.66
C ARG A 205 17.33 -6.53 30.40
N ILE A 206 16.84 -7.76 30.21
CA ILE A 206 17.68 -8.92 29.94
C ILE A 206 17.61 -9.31 28.45
N LEU A 207 18.71 -9.82 27.91
CA LEU A 207 18.77 -10.20 26.50
C LEU A 207 19.45 -11.55 26.30
N TRP A 208 18.74 -12.51 25.69
CA TRP A 208 19.38 -13.75 25.24
C TRP A 208 19.59 -13.69 23.72
N LYS A 209 20.73 -14.19 23.25
CA LYS A 209 20.95 -14.34 21.80
C LYS A 209 21.24 -15.80 21.43
N ILE A 210 20.50 -16.32 20.46
CA ILE A 210 20.74 -17.65 19.91
C ILE A 210 21.10 -17.48 18.44
N PRO A 211 22.29 -17.94 18.03
CA PRO A 211 22.72 -17.70 16.64
C PRO A 211 21.78 -18.31 15.60
N ASP A 212 21.39 -19.56 15.80
CA ASP A 212 20.54 -20.27 14.86
C ASP A 212 19.53 -21.14 15.59
N ILE A 213 18.32 -21.21 15.04
CA ILE A 213 17.28 -22.13 15.53
C ILE A 213 16.61 -22.87 14.35
N SER A 214 16.71 -24.20 14.35
CA SER A 214 16.09 -25.00 13.29
C SER A 214 15.82 -26.44 13.75
N GLN A 215 15.41 -27.29 12.82
CA GLN A 215 15.21 -28.71 13.08
C GLN A 215 16.55 -29.32 13.49
N LYS A 216 17.63 -28.77 12.94
CA LYS A 216 18.96 -29.29 13.16
C LYS A 216 19.53 -28.84 14.51
N SER A 217 18.91 -27.86 15.15
CA SER A 217 19.46 -27.32 16.39
C SER A 217 19.61 -28.40 17.45
N GLU A 218 20.40 -28.11 18.47
CA GLU A 218 20.72 -29.08 19.52
C GLU A 218 19.52 -29.77 20.18
N ASN A 219 18.38 -29.09 20.20
CA ASN A 219 17.20 -29.64 20.83
C ASN A 219 16.02 -29.73 19.88
N GLY A 220 16.31 -29.85 18.59
CA GLY A 220 15.27 -29.91 17.58
C GLY A 220 14.52 -28.59 17.53
N GLY A 221 15.10 -27.55 18.13
CA GLY A 221 14.55 -26.20 18.06
C GLY A 221 13.53 -25.93 19.15
N VAL A 222 13.51 -26.80 20.16
CA VAL A 222 12.65 -26.58 21.32
C VAL A 222 13.54 -26.25 22.49
N GLY A 223 13.22 -25.20 23.23
CA GLY A 223 14.10 -24.80 24.30
C GLY A 223 13.47 -23.88 25.32
N SER A 224 14.21 -23.61 26.40
CA SER A 224 13.74 -22.72 27.45
C SER A 224 14.81 -21.72 27.88
N LEU A 225 14.34 -20.56 28.33
CA LEU A 225 15.19 -19.50 28.85
C LEU A 225 14.62 -19.24 30.23
N LEU A 226 15.49 -19.26 31.24
CA LEU A 226 15.12 -19.11 32.64
C LEU A 226 16.00 -18.05 33.28
N ALA A 227 15.41 -17.21 34.12
CA ALA A 227 16.19 -16.25 34.91
C ALA A 227 15.50 -15.93 36.24
N ARG A 228 16.28 -15.70 37.29
CA ARG A 228 15.74 -15.21 38.55
C ARG A 228 16.44 -13.91 38.96
N PHE A 229 15.64 -12.90 39.30
CA PHE A 229 16.15 -11.56 39.63
C PHE A 229 15.84 -11.17 41.09
N GLN A 230 16.81 -10.60 41.79
CA GLN A 230 16.55 -10.01 43.10
C GLN A 230 16.15 -8.53 43.02
N LEU A 231 15.10 -8.16 43.76
CA LEU A 231 14.55 -6.80 43.66
C LEU A 231 14.79 -5.95 44.91
N SER A 232 14.89 -4.64 44.73
CA SER A 232 15.03 -3.69 45.84
C SER A 232 13.75 -2.88 46.00
N GLU A 233 12.97 -2.80 44.92
CA GLU A 233 11.74 -2.02 44.94
C GLU A 233 10.62 -2.76 44.19
N GLY A 234 10.49 -4.05 44.46
CA GLY A 234 9.46 -4.85 43.79
C GLY A 234 8.07 -4.59 44.32
N PRO A 235 7.08 -5.27 43.73
CA PRO A 235 7.24 -6.29 42.69
C PRO A 235 7.44 -5.76 41.26
N SER A 236 7.99 -6.61 40.39
CA SER A 236 8.08 -6.30 38.96
C SER A 236 6.68 -6.45 38.39
N LYS A 237 6.40 -5.76 37.29
CA LYS A 237 5.20 -6.01 36.53
C LYS A 237 5.60 -6.66 35.24
N PRO A 238 4.95 -7.78 34.90
CA PRO A 238 5.28 -8.44 33.65
C PRO A 238 5.18 -7.47 32.46
N SER A 239 6.15 -7.59 31.57
CA SER A 239 6.20 -6.77 30.39
C SER A 239 6.43 -7.70 29.21
N PRO A 240 6.04 -7.29 27.99
CA PRO A 240 6.11 -8.24 26.89
C PRO A 240 7.54 -8.63 26.53
N LEU A 241 7.77 -9.92 26.29
CA LEU A 241 9.01 -10.35 25.67
C LEU A 241 9.00 -9.86 24.22
N VAL A 242 10.13 -9.31 23.73
CA VAL A 242 10.24 -8.83 22.33
C VAL A 242 11.32 -9.64 21.62
N VAL A 243 10.94 -10.27 20.51
CA VAL A 243 11.80 -11.23 19.81
C VAL A 243 12.15 -10.73 18.42
N GLN A 244 13.42 -10.91 18.03
CA GLN A 244 13.82 -10.63 16.63
C GLN A 244 14.42 -11.90 16.04
N PHE A 245 14.31 -12.04 14.73
CA PHE A 245 15.02 -13.06 13.99
C PHE A 245 14.85 -12.77 12.51
N THR A 246 15.78 -13.28 11.70
CA THR A 246 15.68 -13.21 10.24
C THR A 246 15.94 -14.60 9.69
N SER A 247 15.49 -14.81 8.46
CA SER A 247 15.66 -16.07 7.79
C SER A 247 15.77 -15.83 6.30
N GLU A 248 16.60 -16.62 5.64
CA GLU A 248 16.82 -16.47 4.21
C GLU A 248 16.70 -17.78 3.45
N GLY A 249 16.06 -17.72 2.27
CA GLY A 249 15.95 -18.89 1.43
C GLY A 249 14.53 -19.43 1.36
N SER A 250 13.65 -18.88 2.19
CA SER A 250 12.25 -19.30 2.21
C SER A 250 11.34 -18.11 2.44
N THR A 251 10.09 -18.24 2.03
CA THR A 251 9.06 -17.27 2.43
C THR A 251 8.08 -17.99 3.32
N LEU A 252 7.19 -17.25 3.95
CA LEU A 252 6.07 -17.84 4.66
C LEU A 252 4.92 -18.11 3.69
N SER A 253 4.79 -17.25 2.69
CA SER A 253 3.74 -17.42 1.67
C SER A 253 3.97 -18.65 0.80
N GLY A 254 5.18 -18.87 0.33
CA GLY A 254 5.39 -19.95 -0.62
C GLY A 254 5.17 -19.44 -2.04
N CYS A 255 5.05 -18.12 -2.18
CA CYS A 255 4.87 -17.53 -3.50
C CYS A 255 6.16 -17.55 -4.28
N ASP A 256 6.05 -17.70 -5.59
CA ASP A 256 7.24 -17.65 -6.45
C ASP A 256 7.00 -16.72 -7.65
N ILE A 257 8.00 -16.51 -8.49
CA ILE A 257 7.82 -15.62 -9.64
C ILE A 257 8.48 -16.16 -10.91
N GLU A 258 7.80 -16.01 -12.04
CA GLU A 258 8.41 -16.43 -13.30
C GLU A 258 8.15 -15.43 -14.41
N LEU A 259 9.09 -15.34 -15.36
CA LEU A 259 8.98 -14.42 -16.47
C LEU A 259 8.13 -15.00 -17.62
N VAL A 260 7.38 -14.12 -18.28
CA VAL A 260 6.56 -14.50 -19.42
C VAL A 260 7.11 -13.82 -20.67
N GLY A 261 7.42 -14.61 -21.69
CA GLY A 261 7.99 -14.09 -22.92
C GLY A 261 9.48 -13.82 -22.77
N ALA A 262 10.07 -13.16 -23.77
CA ALA A 262 11.51 -13.00 -23.80
C ALA A 262 11.94 -11.56 -23.59
N GLY A 263 13.23 -11.37 -23.35
CA GLY A 263 13.81 -10.06 -23.12
C GLY A 263 14.54 -10.01 -21.78
N TYR A 264 14.07 -10.80 -20.83
CA TYR A 264 14.58 -10.72 -19.47
C TYR A 264 14.91 -12.08 -18.89
N ARG A 265 15.77 -12.03 -17.88
CA ARG A 265 16.16 -13.20 -17.12
C ARG A 265 16.24 -12.74 -15.68
N PHE A 266 15.81 -13.59 -14.76
CA PHE A 266 15.97 -13.33 -13.34
C PHE A 266 17.37 -13.72 -12.94
N SER A 267 18.22 -12.72 -12.70
CA SER A 267 19.58 -12.96 -12.25
C SER A 267 19.51 -13.67 -10.91
N LEU A 268 18.45 -13.41 -10.16
CA LEU A 268 18.29 -13.96 -8.82
C LEU A 268 16.89 -13.70 -8.27
N ILE A 269 16.35 -14.70 -7.56
CA ILE A 269 15.08 -14.53 -6.85
C ILE A 269 15.31 -14.78 -5.36
N LYS A 270 15.40 -13.69 -4.61
CA LYS A 270 15.67 -13.78 -3.17
C LYS A 270 14.39 -13.95 -2.38
N LYS A 271 14.41 -14.88 -1.45
CA LYS A 271 13.30 -15.10 -0.54
C LYS A 271 13.79 -14.96 0.91
N ARG A 272 13.12 -14.15 1.70
CA ARG A 272 13.52 -14.03 3.10
C ARG A 272 12.34 -13.63 3.95
N PHE A 273 12.42 -13.89 5.25
CA PHE A 273 11.40 -13.37 6.16
C PHE A 273 12.03 -12.95 7.46
N ALA A 274 11.36 -12.10 8.23
CA ALA A 274 11.93 -11.68 9.50
C ALA A 274 10.82 -11.33 10.48
N ALA A 275 11.11 -11.37 11.78
CA ALA A 275 10.09 -11.01 12.74
C ALA A 275 9.89 -9.52 12.63
N GLY A 276 8.65 -9.08 12.76
CA GLY A 276 8.37 -7.66 12.79
C GLY A 276 8.11 -7.29 14.23
N LYS A 277 6.84 -7.11 14.59
CA LYS A 277 6.45 -6.94 15.98
C LYS A 277 6.11 -8.32 16.53
N TYR A 278 7.04 -8.92 17.28
CA TYR A 278 6.89 -10.33 17.65
C TYR A 278 6.98 -10.46 19.17
N LEU A 279 5.84 -10.45 19.84
CA LEU A 279 5.77 -10.30 21.29
C LEU A 279 5.12 -11.47 22.01
N ALA A 280 5.44 -11.62 23.29
CA ALA A 280 4.76 -12.60 24.13
C ALA A 280 4.47 -12.02 25.51
N ASP A 281 3.20 -12.07 25.92
CA ASP A 281 2.75 -11.60 27.22
C ASP A 281 2.56 -12.75 28.23
N ASN A 282 2.60 -12.41 29.51
CA ASN A 282 2.46 -13.39 30.60
C ASN A 282 1.10 -14.06 30.65
N ASP B 12 -23.54 5.81 25.70
CA ASP B 12 -24.06 6.02 24.35
C ASP B 12 -23.29 5.25 23.30
N THR B 13 -23.90 5.13 22.12
CA THR B 13 -23.21 4.65 20.95
C THR B 13 -22.30 5.79 20.49
N LEU B 14 -21.11 5.43 20.03
CA LEU B 14 -20.05 6.39 19.74
C LEU B 14 -20.01 6.87 18.28
N PRO B 15 -19.93 8.20 18.09
CA PRO B 15 -19.97 8.79 16.75
C PRO B 15 -18.66 8.68 16.00
N VAL B 16 -18.69 8.06 14.82
CA VAL B 16 -17.52 7.96 13.98
C VAL B 16 -17.90 8.39 12.56
N ALA B 17 -17.00 9.11 11.90
CA ALA B 17 -17.24 9.53 10.52
C ALA B 17 -16.47 8.60 9.61
N ALA B 18 -17.00 8.38 8.40
CA ALA B 18 -16.30 7.56 7.42
C ALA B 18 -16.13 8.30 6.09
N ALA B 19 -15.10 7.92 5.33
CA ALA B 19 -14.88 8.53 4.02
C ALA B 19 -14.34 7.53 3.01
N PHE B 20 -14.94 7.52 1.83
CA PHE B 20 -14.39 6.85 0.65
C PHE B 20 -13.87 7.92 -0.30
N THR B 21 -12.55 7.91 -0.53
CA THR B 21 -11.93 8.92 -1.37
C THR B 21 -11.15 8.27 -2.51
N GLU B 22 -11.62 8.52 -3.74
CA GLU B 22 -11.06 7.88 -4.93
C GLU B 22 -10.39 8.85 -5.89
N THR B 23 -9.32 8.38 -6.51
CA THR B 23 -8.53 9.14 -7.45
C THR B 23 -8.56 8.36 -8.76
N VAL B 24 -8.95 9.03 -9.85
CA VAL B 24 -8.94 8.39 -11.16
C VAL B 24 -7.79 8.95 -12.00
N ASN B 25 -6.93 8.06 -12.46
CA ASN B 25 -5.83 8.42 -13.34
C ASN B 25 -6.10 7.94 -14.76
N ALA B 26 -5.86 8.76 -15.76
CA ALA B 26 -6.12 8.36 -17.14
C ALA B 26 -5.11 8.95 -18.10
N TYR B 27 -4.77 8.18 -19.13
CA TYR B 27 -3.92 8.68 -20.19
C TYR B 27 -4.63 8.38 -21.51
N PHE B 28 -4.91 9.43 -22.26
CA PHE B 28 -5.50 9.33 -23.60
C PHE B 28 -4.44 9.63 -24.64
N LYS B 29 -4.52 8.99 -25.79
CA LYS B 29 -3.55 9.25 -26.85
C LYS B 29 -4.27 9.51 -28.16
N GLY B 30 -4.29 10.78 -28.58
CA GLY B 30 -4.99 11.21 -29.78
C GLY B 30 -6.48 10.97 -29.71
N ALA B 31 -7.02 10.42 -30.80
CA ALA B 31 -8.42 10.04 -30.82
C ALA B 31 -8.51 8.51 -30.88
N ASP B 32 -7.46 7.85 -30.37
CA ASP B 32 -7.39 6.40 -30.36
C ASP B 32 -7.70 5.89 -28.94
N PRO B 33 -8.97 5.55 -28.67
CA PRO B 33 -9.38 5.14 -27.33
C PRO B 33 -8.71 3.83 -26.90
N SER B 34 -8.23 3.06 -27.88
CA SER B 34 -7.57 1.78 -27.60
C SER B 34 -6.33 2.01 -26.74
N LYS B 35 -5.77 3.21 -26.84
CA LYS B 35 -4.54 3.50 -26.13
C LYS B 35 -4.86 4.15 -24.81
N CYS B 36 -6.15 4.25 -24.50
CA CYS B 36 -6.52 4.83 -23.22
C CYS B 36 -6.19 3.83 -22.11
N ILE B 37 -5.53 4.33 -21.08
CA ILE B 37 -5.15 3.52 -19.91
C ILE B 37 -5.63 4.23 -18.65
N VAL B 38 -6.45 3.54 -17.85
CA VAL B 38 -7.05 4.11 -16.64
C VAL B 38 -6.64 3.30 -15.40
N LYS B 39 -6.47 3.98 -14.29
CA LYS B 39 -6.15 3.36 -13.00
C LYS B 39 -6.89 4.12 -11.92
N ILE B 40 -7.78 3.44 -11.20
CA ILE B 40 -8.53 4.09 -10.12
C ILE B 40 -8.09 3.53 -8.76
N THR B 41 -7.60 4.43 -7.90
CA THR B 41 -7.17 4.05 -6.57
C THR B 41 -8.10 4.70 -5.55
N GLY B 42 -8.05 4.25 -4.32
CA GLY B 42 -8.94 4.82 -3.33
C GLY B 42 -8.51 4.47 -1.91
N GLU B 43 -9.08 5.17 -0.95
CA GLU B 43 -8.85 4.79 0.44
C GLU B 43 -10.12 5.01 1.25
N MET B 44 -10.29 4.15 2.24
CA MET B 44 -11.38 4.28 3.21
C MET B 44 -10.75 4.69 4.53
N VAL B 45 -11.22 5.83 5.04
CA VAL B 45 -10.67 6.45 6.24
C VAL B 45 -11.75 6.58 7.29
N LEU B 46 -11.40 6.25 8.53
CA LEU B 46 -12.30 6.41 9.65
C LEU B 46 -11.82 7.57 10.51
N SER B 47 -12.75 8.45 10.85
CA SER B 47 -12.45 9.64 11.66
C SER B 47 -13.14 9.64 13.02
N PHE B 48 -12.36 9.90 14.07
CA PHE B 48 -12.86 9.91 15.46
C PHE B 48 -12.74 11.33 16.00
N PRO B 49 -13.83 11.86 16.59
CA PRO B 49 -13.91 13.22 17.16
C PRO B 49 -13.10 13.48 18.44
N ALA B 50 -12.88 14.75 18.75
CA ALA B 50 -12.07 15.15 19.91
C ALA B 50 -12.75 14.87 21.25
N GLY B 51 -14.03 14.50 21.20
CA GLY B 51 -14.78 14.13 22.39
C GLY B 51 -14.35 12.82 23.00
N ILE B 52 -13.54 12.07 22.26
CA ILE B 52 -13.24 10.69 22.58
C ILE B 52 -11.75 10.55 22.86
N THR B 53 -11.08 11.69 22.89
CA THR B 53 -9.64 11.80 23.15
C THR B 53 -9.11 11.00 24.35
N ARG B 54 -9.94 10.79 25.36
CA ARG B 54 -9.47 10.16 26.58
C ARG B 54 -10.56 9.33 27.26
N HIS B 55 -11.81 9.55 26.85
CA HIS B 55 -12.93 8.82 27.43
C HIS B 55 -13.22 7.57 26.62
N PHE B 56 -12.38 7.29 25.63
CA PHE B 56 -12.40 5.97 25.02
C PHE B 56 -11.49 5.09 25.85
N ALA B 57 -10.66 5.74 26.67
CA ALA B 57 -9.78 5.06 27.60
C ALA B 57 -10.56 4.74 28.87
N ASN B 58 -11.85 5.09 28.85
CA ASN B 58 -12.70 5.06 30.04
C ASN B 58 -13.05 3.67 30.54
N ASN B 59 -13.57 2.82 29.67
CA ASN B 59 -14.00 1.48 30.08
C ASN B 59 -12.92 0.68 30.86
N PRO B 60 -11.71 0.44 30.28
CA PRO B 60 -11.18 0.57 28.91
C PRO B 60 -11.35 -0.75 28.18
N SER B 61 -12.58 -1.24 28.17
CA SER B 61 -12.98 -2.40 27.40
C SER B 61 -14.08 -1.89 26.45
N PRO B 62 -13.65 -1.22 25.37
CA PRO B 62 -14.57 -0.66 24.39
C PRO B 62 -15.32 -1.71 23.59
N ALA B 63 -16.57 -1.42 23.25
CA ALA B 63 -17.37 -2.28 22.40
C ALA B 63 -16.62 -2.57 21.10
N ALA B 64 -16.79 -3.78 20.58
CA ALA B 64 -16.14 -4.15 19.34
C ALA B 64 -16.60 -3.22 18.22
N LEU B 65 -15.66 -2.75 17.42
CA LEU B 65 -15.99 -1.96 16.24
C LEU B 65 -15.88 -2.82 15.00
N THR B 66 -17.02 -3.08 14.38
CA THR B 66 -17.06 -3.96 13.23
C THR B 66 -17.87 -3.31 12.14
N PHE B 67 -17.40 -3.45 10.91
CA PHE B 67 -18.15 -2.86 9.82
C PHE B 67 -18.11 -3.75 8.61
N ARG B 68 -19.11 -3.61 7.75
CA ARG B 68 -19.12 -4.36 6.50
C ARG B 68 -19.10 -3.37 5.33
N VAL B 69 -18.24 -3.64 4.35
CA VAL B 69 -18.16 -2.80 3.16
C VAL B 69 -19.03 -3.40 2.04
N ILE B 70 -19.96 -2.59 1.55
CA ILE B 70 -20.95 -3.02 0.55
C ILE B 70 -20.36 -2.90 -0.86
N ASN B 71 -20.74 -3.82 -1.74
CA ASN B 71 -20.23 -3.88 -3.11
C ASN B 71 -18.72 -4.08 -3.15
N PHE B 72 -18.22 -5.00 -2.33
CA PHE B 72 -16.78 -5.21 -2.18
C PHE B 72 -16.11 -5.74 -3.45
N SER B 73 -16.86 -6.51 -4.23
CA SER B 73 -16.33 -7.13 -5.44
C SER B 73 -15.98 -6.10 -6.49
N ARG B 74 -16.39 -4.87 -6.24
CA ARG B 74 -16.14 -3.78 -7.17
C ARG B 74 -14.65 -3.38 -7.09
N LEU B 75 -13.98 -3.84 -6.03
CA LEU B 75 -12.56 -3.54 -5.85
C LEU B 75 -11.67 -4.63 -6.44
N GLU B 76 -10.76 -4.25 -7.34
CA GLU B 76 -9.82 -5.18 -7.95
C GLU B 76 -8.82 -5.65 -6.90
N HIS B 77 -8.35 -4.72 -6.09
CA HIS B 77 -7.32 -5.04 -5.10
C HIS B 77 -7.57 -4.26 -3.81
N VAL B 78 -7.27 -4.87 -2.66
CA VAL B 78 -7.46 -4.21 -1.35
C VAL B 78 -6.33 -4.55 -0.36
N LEU B 79 -5.84 -3.55 0.38
CA LEU B 79 -4.86 -3.77 1.44
C LEU B 79 -5.42 -3.10 2.70
N PRO B 80 -6.00 -3.92 3.60
CA PRO B 80 -6.50 -3.33 4.85
C PRO B 80 -5.31 -2.98 5.71
N ASN B 81 -5.49 -2.02 6.61
CA ASN B 81 -4.45 -1.65 7.57
C ASN B 81 -4.12 -2.86 8.46
N PRO B 82 -2.93 -3.46 8.29
CA PRO B 82 -2.61 -4.68 9.05
C PRO B 82 -2.43 -4.47 10.57
N GLN B 83 -2.28 -3.24 11.03
CA GLN B 83 -2.17 -3.03 12.49
C GLN B 83 -3.55 -3.04 13.11
N LEU B 84 -4.57 -2.82 12.27
CA LEU B 84 -5.91 -2.49 12.75
C LEU B 84 -7.04 -3.39 12.27
N LEU B 85 -6.82 -4.19 11.23
CA LEU B 85 -7.93 -4.97 10.70
C LEU B 85 -7.64 -6.45 10.61
N CYS B 86 -8.68 -7.25 10.85
CA CYS B 86 -8.72 -8.64 10.38
C CYS B 86 -10.08 -8.85 9.73
N CYS B 87 -10.17 -9.88 8.88
CA CYS B 87 -11.36 -10.18 8.08
C CYS B 87 -11.60 -11.68 8.00
N ASP B 88 -12.65 -12.07 7.29
CA ASP B 88 -12.95 -13.48 7.02
C ASP B 88 -11.96 -14.05 6.02
N ASN B 95 -20.80 -10.15 -2.25
CA ASN B 95 -20.88 -8.72 -2.50
C ASN B 95 -20.39 -7.84 -1.35
N THR B 96 -20.40 -8.37 -0.13
CA THR B 96 -19.89 -7.64 1.03
C THR B 96 -18.75 -8.33 1.76
N LYS B 97 -17.98 -7.56 2.53
CA LYS B 97 -16.91 -8.14 3.33
C LYS B 97 -16.83 -7.48 4.70
N GLU B 98 -16.79 -8.33 5.73
CA GLU B 98 -16.84 -7.85 7.10
C GLU B 98 -15.43 -7.72 7.65
N PHE B 99 -15.20 -6.60 8.31
CA PHE B 99 -13.93 -6.27 8.94
C PHE B 99 -14.10 -6.00 10.42
N TRP B 100 -13.16 -6.56 11.18
CA TRP B 100 -13.05 -6.38 12.63
C TRP B 100 -11.82 -5.55 12.96
N VAL B 101 -12.04 -4.49 13.73
CA VAL B 101 -10.96 -3.62 14.17
C VAL B 101 -10.29 -4.19 15.42
N ASN B 102 -8.96 -4.20 15.45
CA ASN B 102 -8.24 -4.64 16.63
C ASN B 102 -8.32 -3.57 17.74
N MET B 103 -9.17 -3.79 18.75
CA MET B 103 -9.38 -2.75 19.77
C MET B 103 -8.17 -2.27 20.55
N PRO B 104 -7.28 -3.19 20.99
CA PRO B 104 -6.12 -2.68 21.71
C PRO B 104 -5.19 -1.79 20.86
N ASN B 105 -4.99 -2.16 19.60
CA ASN B 105 -4.11 -1.39 18.72
C ASN B 105 -4.70 -0.03 18.33
N LEU B 106 -6.01 0.00 18.18
CA LEU B 106 -6.73 1.24 17.90
C LEU B 106 -6.62 2.15 19.11
N MET B 107 -6.82 1.58 20.31
CA MET B 107 -6.73 2.34 21.54
C MET B 107 -5.33 2.91 21.74
N THR B 108 -4.32 2.10 21.45
CA THR B 108 -2.92 2.54 21.55
C THR B 108 -2.73 3.75 20.62
N HIS B 109 -3.20 3.60 19.38
CA HIS B 109 -3.04 4.66 18.39
C HIS B 109 -3.70 5.97 18.79
N LEU B 110 -4.95 5.86 19.22
CA LEU B 110 -5.73 7.04 19.55
C LEU B 110 -5.19 7.70 20.80
N LYS B 111 -4.57 6.91 21.67
CA LYS B 111 -3.94 7.46 22.87
C LYS B 111 -2.80 8.35 22.39
N LYS B 112 -1.99 7.81 21.49
CA LYS B 112 -0.84 8.57 21.03
C LYS B 112 -1.23 9.87 20.30
N VAL B 113 -2.01 9.74 19.22
CA VAL B 113 -2.37 10.93 18.47
C VAL B 113 -3.17 11.94 19.31
N SER B 114 -3.91 11.45 20.28
CA SER B 114 -4.66 12.36 21.14
C SER B 114 -3.78 13.09 22.13
N GLU B 115 -2.68 12.45 22.53
CA GLU B 115 -1.81 13.07 23.51
C GLU B 115 -0.81 14.01 22.82
N GLN B 116 -0.50 13.76 21.55
CA GLN B 116 0.50 14.59 20.87
C GLN B 116 -0.12 15.65 19.95
N LYS B 117 -1.35 15.40 19.54
CA LYS B 117 -2.11 16.41 18.82
C LYS B 117 -3.38 16.69 19.61
N PRO B 118 -3.23 17.22 20.85
CA PRO B 118 -4.43 17.33 21.68
C PRO B 118 -5.31 18.47 21.17
N GLN B 119 -6.62 18.36 21.40
CA GLN B 119 -7.56 19.41 20.99
C GLN B 119 -7.71 19.55 19.47
N ALA B 120 -7.31 18.51 18.74
CA ALA B 120 -7.46 18.45 17.28
C ALA B 120 -8.91 18.05 17.03
N THR B 121 -9.51 18.56 15.96
CA THR B 121 -10.95 18.38 15.76
C THR B 121 -11.30 16.92 15.43
N TYR B 122 -10.37 16.23 14.78
CA TYR B 122 -10.57 14.83 14.40
C TYR B 122 -9.27 14.03 14.37
N TYR B 123 -9.38 12.74 14.63
CA TYR B 123 -8.26 11.84 14.45
C TYR B 123 -8.68 10.87 13.34
N ASN B 124 -8.01 10.98 12.21
CA ASN B 124 -8.32 10.19 11.03
C ASN B 124 -7.45 8.95 11.02
N VAL B 125 -8.04 7.82 10.65
CA VAL B 125 -7.29 6.58 10.58
C VAL B 125 -7.53 5.85 9.26
N ASP B 126 -6.44 5.62 8.52
CA ASP B 126 -6.48 4.92 7.23
C ASP B 126 -6.81 3.44 7.43
N MET B 127 -8.00 3.04 7.03
CA MET B 127 -8.43 1.67 7.20
C MET B 127 -8.18 0.79 5.97
N LEU B 128 -8.54 1.28 4.78
CA LEU B 128 -8.31 0.48 3.57
C LEU B 128 -7.60 1.28 2.48
N LYS B 129 -6.64 0.66 1.80
CA LYS B 129 -6.13 1.23 0.54
C LYS B 129 -6.65 0.27 -0.51
N TYR B 130 -7.14 0.75 -1.64
CA TYR B 130 -7.66 -0.16 -2.65
C TYR B 130 -7.51 0.35 -4.08
N GLN B 131 -7.83 -0.55 -5.03
CA GLN B 131 -7.89 -0.23 -6.44
C GLN B 131 -9.19 -0.79 -7.03
N VAL B 132 -9.88 0.07 -7.77
CA VAL B 132 -11.22 -0.17 -8.30
C VAL B 132 -11.13 -0.81 -9.69
N SER B 133 -11.90 -1.87 -9.91
CA SER B 133 -11.90 -2.55 -11.21
C SER B 133 -12.37 -1.55 -12.26
N ALA B 134 -11.60 -1.42 -13.34
CA ALA B 134 -11.93 -0.51 -14.45
C ALA B 134 -11.83 -1.24 -15.77
N GLN B 135 -12.44 -0.67 -16.83
CA GLN B 135 -12.35 -1.26 -18.15
C GLN B 135 -12.11 -0.19 -19.21
N GLY B 136 -10.88 0.33 -19.30
CA GLY B 136 -10.52 1.31 -20.30
C GLY B 136 -11.34 2.59 -20.30
N ILE B 137 -11.67 3.11 -21.49
CA ILE B 137 -12.39 4.39 -21.61
C ILE B 137 -13.76 4.31 -20.97
N GLN B 138 -14.31 3.11 -20.90
CA GLN B 138 -15.60 2.90 -20.28
C GLN B 138 -15.59 3.38 -18.82
N SER B 139 -14.41 3.42 -18.21
CA SER B 139 -14.29 3.69 -16.78
C SER B 139 -13.88 5.14 -16.42
N THR B 140 -13.49 5.91 -17.42
CA THR B 140 -13.11 7.31 -17.22
C THR B 140 -14.35 8.21 -17.21
N PRO B 141 -14.46 9.09 -16.21
CA PRO B 141 -15.62 9.98 -16.08
C PRO B 141 -15.66 11.05 -17.17
N LEU B 142 -14.48 11.44 -17.66
CA LEU B 142 -14.35 12.46 -18.70
C LEU B 142 -13.46 11.96 -19.84
N ASN B 143 -14.07 11.61 -20.97
CA ASN B 143 -13.31 11.14 -22.14
C ASN B 143 -12.69 12.34 -22.88
N LEU B 144 -11.45 12.19 -23.32
CA LEU B 144 -10.71 13.30 -23.89
C LEU B 144 -10.08 12.87 -25.20
N ALA B 145 -10.00 13.81 -26.15
CA ALA B 145 -9.32 13.58 -27.40
C ALA B 145 -8.68 14.90 -27.81
N VAL B 146 -7.41 14.87 -28.17
CA VAL B 146 -6.72 16.12 -28.46
C VAL B 146 -6.10 16.03 -29.84
N ASN B 147 -6.13 17.16 -30.55
CA ASN B 147 -5.52 17.23 -31.88
C ASN B 147 -4.78 18.54 -32.06
N TRP B 148 -3.58 18.44 -32.62
CA TRP B 148 -2.70 19.58 -32.86
C TRP B 148 -2.39 19.70 -34.34
N ARG B 149 -2.32 20.94 -34.83
CA ARG B 149 -1.76 21.22 -36.15
C ARG B 149 -0.62 22.22 -35.98
N CYS B 150 0.61 21.75 -36.21
CA CYS B 150 1.80 22.54 -35.91
C CYS B 150 2.48 23.08 -37.16
N GLU B 151 2.25 24.36 -37.43
CA GLU B 151 2.91 25.08 -38.51
C GLU B 151 4.18 25.73 -38.01
N PRO B 152 5.08 26.11 -38.93
CA PRO B 152 6.24 26.87 -38.47
C PRO B 152 5.85 28.20 -37.83
N SER B 153 4.71 28.77 -38.23
CA SER B 153 4.32 30.08 -37.72
C SER B 153 3.01 30.14 -36.95
N SER B 154 2.32 28.99 -36.82
CA SER B 154 1.01 28.96 -36.18
C SER B 154 0.75 27.57 -35.62
N THR B 155 -0.09 27.51 -34.59
CA THR B 155 -0.46 26.25 -34.00
C THR B 155 -1.95 26.25 -33.74
N ASP B 156 -2.64 25.23 -34.23
CA ASP B 156 -4.04 25.09 -33.92
C ASP B 156 -4.23 23.91 -32.97
N LEU B 157 -5.08 24.09 -31.97
CA LEU B 157 -5.30 23.09 -30.94
C LEU B 157 -6.80 22.90 -30.77
N ARG B 158 -7.22 21.64 -30.68
CA ARG B 158 -8.60 21.31 -30.38
C ARG B 158 -8.63 20.17 -29.39
N ILE B 159 -9.47 20.30 -28.36
CA ILE B 159 -9.67 19.27 -27.35
C ILE B 159 -11.15 18.97 -27.39
N ASP B 160 -11.49 17.69 -27.52
CA ASP B 160 -12.87 17.27 -27.47
C ASP B 160 -13.04 16.51 -26.16
N TYR B 161 -14.03 16.88 -25.38
CA TYR B 161 -14.32 16.18 -24.13
C TYR B 161 -15.75 15.70 -24.08
N LYS B 162 -15.95 14.59 -23.39
CA LYS B 162 -17.27 13.98 -23.28
C LYS B 162 -17.47 13.51 -21.85
N TYR B 163 -18.56 13.94 -21.21
CA TYR B 163 -18.97 13.37 -19.93
C TYR B 163 -19.38 11.92 -20.18
N ASN B 164 -18.78 10.99 -19.43
CA ASN B 164 -19.03 9.57 -19.65
C ASN B 164 -19.90 9.00 -18.54
N THR B 165 -21.20 9.03 -18.79
CA THR B 165 -22.21 8.69 -17.79
C THR B 165 -22.00 7.34 -17.10
N ASP B 166 -21.62 6.32 -17.86
CA ASP B 166 -21.66 4.96 -17.34
C ASP B 166 -20.38 4.63 -16.56
N ALA B 167 -19.54 5.65 -16.37
CA ALA B 167 -18.33 5.51 -15.55
C ALA B 167 -18.65 5.82 -14.10
N MET B 168 -19.80 6.43 -13.84
CA MET B 168 -20.17 6.83 -12.49
C MET B 168 -21.32 5.97 -11.97
N THR B 169 -21.30 5.73 -10.66
CA THR B 169 -22.33 4.92 -10.03
C THR B 169 -23.63 5.73 -10.07
N THR B 170 -23.48 7.04 -9.87
CA THR B 170 -24.61 7.96 -9.79
C THR B 170 -24.49 9.12 -10.79
N ALA B 171 -25.62 9.67 -11.21
CA ALA B 171 -25.56 10.84 -12.08
C ALA B 171 -25.03 11.98 -11.24
N VAL B 172 -23.74 12.28 -11.39
CA VAL B 172 -23.11 13.32 -10.58
C VAL B 172 -22.24 14.24 -11.43
N ALA B 173 -22.13 15.50 -11.01
CA ALA B 173 -21.38 16.48 -11.77
C ALA B 173 -19.88 16.40 -11.51
N LEU B 174 -19.10 16.72 -12.54
CA LEU B 174 -17.68 16.99 -12.36
C LEU B 174 -17.54 18.50 -12.17
N ASN B 175 -16.88 18.88 -11.08
CA ASN B 175 -16.77 20.27 -10.70
C ASN B 175 -15.37 20.81 -10.94
N ASN B 176 -15.27 22.13 -11.12
CA ASN B 176 -13.99 22.82 -11.25
C ASN B 176 -13.06 22.16 -12.23
N VAL B 177 -13.59 21.85 -13.41
CA VAL B 177 -12.82 21.17 -14.43
C VAL B 177 -11.83 22.14 -15.05
N GLN B 178 -10.56 21.77 -15.10
CA GLN B 178 -9.56 22.64 -15.66
C GLN B 178 -8.83 21.89 -16.74
N PHE B 179 -8.59 22.57 -17.87
CA PHE B 179 -7.84 22.01 -18.97
C PHE B 179 -6.62 22.89 -19.16
N LEU B 180 -5.44 22.30 -19.00
CA LEU B 180 -4.21 23.08 -19.02
C LEU B 180 -3.32 22.54 -20.08
N VAL B 181 -2.77 23.39 -20.93
CA VAL B 181 -1.81 22.89 -21.89
C VAL B 181 -0.66 23.86 -22.20
N PRO B 182 0.57 23.37 -22.05
CA PRO B 182 1.79 24.14 -22.35
C PRO B 182 1.90 24.36 -23.86
N ILE B 183 2.12 25.59 -24.31
CA ILE B 183 2.24 25.85 -25.74
C ILE B 183 3.65 26.35 -26.10
N ASP B 184 4.42 25.43 -26.65
CA ASP B 184 5.77 25.65 -27.15
C ASP B 184 5.79 26.66 -28.29
N GLY B 185 7.00 27.02 -28.71
CA GLY B 185 7.17 27.71 -29.98
C GLY B 185 7.20 29.23 -29.95
N GLY B 186 7.15 29.81 -28.75
CA GLY B 186 7.23 31.25 -28.63
C GLY B 186 5.96 31.91 -29.14
N VAL B 187 4.86 31.69 -28.43
CA VAL B 187 3.58 32.31 -28.75
C VAL B 187 3.63 33.82 -28.63
N THR B 188 3.07 34.51 -29.63
CA THR B 188 3.00 35.95 -29.64
C THR B 188 1.58 36.45 -29.35
N LYS B 189 0.59 35.71 -29.84
CA LYS B 189 -0.81 36.00 -29.53
C LYS B 189 -1.66 34.80 -29.81
N LEU B 190 -2.84 34.75 -29.19
CA LEU B 190 -3.84 33.79 -29.65
C LEU B 190 -4.81 34.56 -30.53
N GLN B 191 -4.88 34.17 -31.80
CA GLN B 191 -5.71 34.91 -32.73
C GLN B 191 -7.10 34.27 -32.81
N ALA B 192 -7.28 33.15 -32.11
CA ALA B 192 -8.59 32.52 -32.00
C ALA B 192 -8.68 31.68 -30.74
N VAL B 193 -9.80 31.80 -30.03
CA VAL B 193 -10.03 30.98 -28.83
C VAL B 193 -11.53 30.83 -28.56
N LEU B 194 -11.94 29.62 -28.18
CA LEU B 194 -13.34 29.37 -27.90
C LEU B 194 -13.46 28.08 -27.12
N PRO B 195 -14.14 28.10 -25.97
CA PRO B 195 -14.74 29.21 -25.23
C PRO B 195 -13.62 30.06 -24.64
N PRO B 196 -13.93 31.16 -23.93
CA PRO B 196 -12.85 32.00 -23.40
C PRO B 196 -11.87 31.24 -22.52
N ALA B 197 -10.58 31.59 -22.64
CA ALA B 197 -9.54 30.98 -21.82
C ALA B 197 -8.52 32.00 -21.36
N VAL B 198 -7.62 31.57 -20.49
CA VAL B 198 -6.54 32.43 -20.02
C VAL B 198 -5.23 31.91 -20.58
N TRP B 199 -4.52 32.79 -21.28
CA TRP B 199 -3.19 32.46 -21.76
C TRP B 199 -2.22 33.03 -20.74
N ASN B 200 -1.32 32.19 -20.25
CA ASN B 200 -0.28 32.62 -19.30
C ASN B 200 1.09 32.67 -19.96
N ALA B 201 1.54 33.89 -20.25
CA ALA B 201 2.80 34.15 -20.91
C ALA B 201 4.02 33.81 -20.03
N GLU B 202 3.90 33.98 -18.72
CA GLU B 202 4.99 33.63 -17.81
C GLU B 202 5.29 32.15 -17.99
N GLN B 203 4.26 31.34 -17.83
CA GLN B 203 4.39 29.89 -17.84
C GLN B 203 4.19 29.26 -19.22
N GLN B 204 3.92 30.12 -20.20
CA GLN B 204 3.66 29.71 -21.58
C GLN B 204 2.69 28.56 -21.66
N ARG B 205 1.46 28.81 -21.20
CA ARG B 205 0.46 27.77 -21.26
C ARG B 205 -0.94 28.35 -21.20
N ILE B 206 -1.89 27.64 -21.80
CA ILE B 206 -3.28 28.07 -21.86
C ILE B 206 -4.12 27.27 -20.87
N LEU B 207 -5.13 27.92 -20.29
CA LEU B 207 -5.98 27.25 -19.31
C LEU B 207 -7.46 27.55 -19.53
N TRP B 208 -8.27 26.51 -19.72
CA TRP B 208 -9.73 26.69 -19.69
C TRP B 208 -10.29 26.18 -18.37
N LYS B 209 -11.28 26.90 -17.83
CA LYS B 209 -12.01 26.43 -16.65
C LYS B 209 -13.50 26.28 -16.95
N ILE B 210 -14.03 25.10 -16.63
CA ILE B 210 -15.46 24.86 -16.72
C ILE B 210 -15.96 24.49 -15.34
N PRO B 211 -16.88 25.30 -14.79
CA PRO B 211 -17.38 25.02 -13.44
C PRO B 211 -18.07 23.65 -13.31
N ASP B 212 -18.91 23.25 -14.26
CA ASP B 212 -19.64 21.98 -14.17
C ASP B 212 -19.71 21.26 -15.51
N ILE B 213 -19.57 19.93 -15.46
CA ILE B 213 -19.82 19.06 -16.61
C ILE B 213 -20.61 17.85 -16.13
N SER B 214 -21.82 17.69 -16.67
CA SER B 214 -22.69 16.56 -16.34
C SER B 214 -23.67 16.34 -17.48
N GLN B 215 -24.61 15.42 -17.30
CA GLN B 215 -25.67 15.20 -18.29
C GLN B 215 -26.51 16.46 -18.48
N LYS B 216 -26.58 17.28 -17.44
CA LYS B 216 -27.40 18.49 -17.49
C LYS B 216 -26.70 19.59 -18.29
N SER B 217 -25.40 19.42 -18.52
CA SER B 217 -24.56 20.39 -19.24
C SER B 217 -24.97 20.58 -20.70
N GLU B 218 -24.38 21.58 -21.35
CA GLU B 218 -24.65 21.85 -22.77
C GLU B 218 -24.48 20.55 -23.52
N ASN B 219 -25.44 20.22 -24.37
CA ASN B 219 -25.33 19.01 -25.17
C ASN B 219 -25.06 17.74 -24.36
N GLY B 220 -25.60 17.68 -23.14
CA GLY B 220 -25.40 16.51 -22.31
C GLY B 220 -23.98 16.29 -21.81
N GLY B 221 -23.17 17.36 -21.82
CA GLY B 221 -21.82 17.28 -21.29
C GLY B 221 -20.73 16.96 -22.29
N VAL B 222 -21.04 17.20 -23.56
CA VAL B 222 -20.09 17.03 -24.65
C VAL B 222 -19.66 18.42 -25.12
N GLY B 223 -18.36 18.64 -25.32
CA GLY B 223 -17.92 19.97 -25.76
C GLY B 223 -16.54 19.97 -26.39
N SER B 224 -16.16 21.11 -26.96
CA SER B 224 -14.84 21.28 -27.57
C SER B 224 -14.18 22.57 -27.11
N LEU B 225 -12.84 22.56 -27.05
CA LEU B 225 -12.03 23.72 -26.73
C LEU B 225 -11.09 23.92 -27.91
N LEU B 226 -11.07 25.11 -28.47
CA LEU B 226 -10.27 25.39 -29.66
C LEU B 226 -9.42 26.64 -29.41
N ALA B 227 -8.18 26.62 -29.90
CA ALA B 227 -7.34 27.81 -29.87
C ALA B 227 -6.40 27.80 -31.06
N ARG B 228 -6.10 28.99 -31.57
CA ARG B 228 -5.06 29.15 -32.59
C ARG B 228 -4.06 30.21 -32.12
N PHE B 229 -2.77 29.85 -32.17
CA PHE B 229 -1.68 30.67 -31.66
C PHE B 229 -0.76 31.08 -32.81
N GLN B 230 -0.38 32.36 -32.82
CA GLN B 230 0.65 32.86 -33.74
C GLN B 230 2.01 32.70 -33.09
N LEU B 231 2.97 32.19 -33.85
CA LEU B 231 4.30 31.88 -33.29
C LEU B 231 5.39 32.82 -33.79
N SER B 232 6.42 33.00 -32.96
CA SER B 232 7.58 33.80 -33.33
C SER B 232 8.79 32.90 -33.53
N GLU B 233 8.76 31.73 -32.90
CA GLU B 233 9.90 30.82 -32.96
C GLU B 233 9.38 29.39 -33.10
N GLY B 234 8.40 29.20 -33.97
CA GLY B 234 7.79 27.90 -34.17
C GLY B 234 8.68 26.99 -34.99
N PRO B 235 8.24 25.74 -35.23
CA PRO B 235 6.93 25.20 -34.86
C PRO B 235 6.86 24.78 -33.39
N SER B 236 5.64 24.66 -32.86
CA SER B 236 5.40 24.12 -31.53
C SER B 236 5.56 22.61 -31.50
N LYS B 237 5.89 22.06 -30.33
CA LYS B 237 5.84 20.62 -30.14
C LYS B 237 4.66 20.34 -29.23
N PRO B 238 3.80 19.38 -29.63
CA PRO B 238 2.66 18.98 -28.78
C PRO B 238 3.10 18.51 -27.39
N SER B 239 2.33 18.92 -26.38
CA SER B 239 2.60 18.54 -25.01
C SER B 239 1.30 18.03 -24.42
N PRO B 240 1.38 17.21 -23.36
CA PRO B 240 0.15 16.60 -22.86
C PRO B 240 -0.80 17.65 -22.31
N LEU B 241 -2.07 17.51 -22.65
CA LEU B 241 -3.10 18.26 -21.95
C LEU B 241 -3.18 17.70 -20.54
N VAL B 242 -3.31 18.59 -19.55
CA VAL B 242 -3.45 18.16 -18.16
C VAL B 242 -4.79 18.63 -17.58
N VAL B 243 -5.57 17.68 -17.06
CA VAL B 243 -6.95 17.96 -16.64
C VAL B 243 -7.17 17.77 -15.13
N GLN B 244 -7.92 18.69 -14.51
CA GLN B 244 -8.32 18.52 -13.11
C GLN B 244 -9.83 18.59 -13.00
N PHE B 245 -10.36 17.87 -12.01
CA PHE B 245 -11.77 17.98 -11.62
C PHE B 245 -11.99 17.25 -10.30
N THR B 246 -13.05 17.62 -9.60
CA THR B 246 -13.41 16.93 -8.36
C THR B 246 -14.90 16.67 -8.45
N SER B 247 -15.36 15.72 -7.65
CA SER B 247 -16.78 15.39 -7.60
C SER B 247 -17.09 14.89 -6.20
N GLU B 248 -18.27 15.28 -5.69
CA GLU B 248 -18.67 14.95 -4.33
C GLU B 248 -20.04 14.27 -4.27
N GLY B 249 -20.13 13.26 -3.42
CA GLY B 249 -21.39 12.57 -3.17
C GLY B 249 -21.39 11.20 -3.80
N SER B 250 -20.39 10.92 -4.63
CA SER B 250 -20.34 9.64 -5.33
C SER B 250 -18.91 9.14 -5.37
N THR B 251 -18.75 7.83 -5.50
CA THR B 251 -17.46 7.26 -5.80
C THR B 251 -17.60 6.60 -7.15
N LEU B 252 -16.50 6.19 -7.74
CA LEU B 252 -16.57 5.39 -8.95
C LEU B 252 -16.83 3.94 -8.57
N SER B 253 -16.34 3.52 -7.41
CA SER B 253 -16.61 2.16 -6.96
C SER B 253 -18.09 1.94 -6.67
N GLY B 254 -18.70 2.85 -5.91
CA GLY B 254 -20.07 2.62 -5.48
C GLY B 254 -20.12 1.83 -4.18
N CYS B 255 -18.98 1.71 -3.52
CA CYS B 255 -18.91 1.02 -2.23
C CYS B 255 -19.55 1.86 -1.14
N ASP B 256 -20.14 1.19 -0.15
CA ASP B 256 -20.67 1.89 1.00
C ASP B 256 -20.16 1.16 2.25
N ILE B 257 -20.52 1.66 3.43
CA ILE B 257 -20.07 1.05 4.68
C ILE B 257 -21.21 1.03 5.70
N GLU B 258 -21.30 -0.07 6.45
CA GLU B 258 -22.33 -0.17 7.49
C GLU B 258 -21.74 -0.74 8.77
N LEU B 259 -22.27 -0.32 9.90
CA LEU B 259 -21.79 -0.84 11.18
C LEU B 259 -22.46 -2.15 11.52
N VAL B 260 -21.71 -3.05 12.14
CA VAL B 260 -22.22 -4.35 12.53
C VAL B 260 -22.24 -4.41 14.05
N GLY B 261 -23.40 -4.69 14.62
CA GLY B 261 -23.54 -4.73 16.07
C GLY B 261 -23.68 -3.34 16.66
N ALA B 262 -23.55 -3.26 17.98
CA ALA B 262 -23.82 -2.00 18.67
C ALA B 262 -22.55 -1.37 19.23
N GLY B 263 -22.66 -0.10 19.64
CA GLY B 263 -21.54 0.61 20.21
C GLY B 263 -21.21 1.89 19.47
N TYR B 264 -21.47 1.89 18.17
CA TYR B 264 -21.06 2.98 17.29
C TYR B 264 -22.15 3.41 16.32
N ARG B 265 -22.00 4.62 15.79
CA ARG B 265 -22.86 5.16 14.74
C ARG B 265 -22.04 5.96 13.73
N PHE B 266 -22.41 5.89 12.45
CA PHE B 266 -21.77 6.74 11.45
C PHE B 266 -22.42 8.11 11.45
N SER B 267 -21.69 9.10 11.97
CA SER B 267 -22.14 10.49 11.96
C SER B 267 -22.27 10.98 10.53
N LEU B 268 -21.44 10.40 9.65
CA LEU B 268 -21.39 10.83 8.26
C LEU B 268 -20.56 9.84 7.44
N ILE B 269 -21.03 9.59 6.22
CA ILE B 269 -20.29 8.80 5.24
C ILE B 269 -20.01 9.66 4.01
N LYS B 270 -18.78 10.14 3.89
CA LYS B 270 -18.38 11.00 2.78
C LYS B 270 -17.93 10.18 1.57
N LYS B 271 -18.47 10.50 0.41
CA LYS B 271 -18.05 9.86 -0.83
C LYS B 271 -17.62 10.92 -1.81
N ARG B 272 -16.42 10.79 -2.36
CA ARG B 272 -15.94 11.73 -3.38
C ARG B 272 -14.92 11.07 -4.27
N PHE B 273 -14.72 11.67 -5.45
CA PHE B 273 -13.61 11.25 -6.31
C PHE B 273 -13.01 12.46 -7.01
N ALA B 274 -11.79 12.33 -7.49
CA ALA B 274 -11.15 13.45 -8.16
C ALA B 274 -10.13 12.94 -9.16
N ALA B 275 -9.79 13.78 -10.13
CA ALA B 275 -8.79 13.41 -11.12
C ALA B 275 -7.45 13.40 -10.45
N GLY B 276 -6.60 12.46 -10.85
CA GLY B 276 -5.23 12.44 -10.36
C GLY B 276 -4.29 12.90 -11.44
N LYS B 277 -3.61 11.95 -12.07
CA LYS B 277 -2.82 12.20 -13.25
C LYS B 277 -3.75 11.91 -14.42
N TYR B 278 -4.27 12.96 -15.04
CA TYR B 278 -5.33 12.84 -16.05
C TYR B 278 -4.86 13.61 -17.29
N LEU B 279 -4.24 12.89 -18.24
CA LEU B 279 -3.53 13.53 -19.36
C LEU B 279 -4.04 13.10 -20.73
N ALA B 280 -3.78 13.93 -21.75
CA ALA B 280 -4.07 13.56 -23.13
C ALA B 280 -2.93 13.96 -24.08
N ASP B 281 -2.40 12.99 -24.82
CA ASP B 281 -1.30 13.22 -25.77
C ASP B 281 -1.87 13.28 -27.18
N ASN B 282 -1.15 13.97 -28.07
CA ASN B 282 -1.55 14.08 -29.46
C ASN B 282 -1.42 12.73 -30.16
ZN ZN C . 8.64 -0.82 0.60
ZN ZN D . 7.94 6.83 -9.77
ZN ZN E . -0.56 -1.83 -17.57
ZN ZN F . -8.14 -9.48 5.83
ZN ZN G . 22.46 -4.19 -25.44
ZN ZN H . 5.96 -21.91 -15.64
ZN ZN I . -4.43 -5.77 -11.04
ZN ZN J . -0.82 4.04 14.88
ZN ZN K . -4.40 9.02 3.67
ZN ZN L . -7.61 -9.33 14.83
ZN ZN M . -27.29 20.79 -29.16
ZN ZN N . -12.28 11.65 29.81
#